data_2XJR
#
_entry.id   2XJR
#
_cell.length_a   46.460
_cell.length_b   61.910
_cell.length_c   106.430
_cell.angle_alpha   90.00
_cell.angle_beta   90.00
_cell.angle_gamma   90.00
#
_symmetry.space_group_name_H-M   'P 21 21 21'
#
loop_
_entity.id
_entity.type
_entity.pdbx_description
1 polymer 'FLOCCULATION PROTEIN FLO5'
2 branched alpha-D-mannopyranose-(1-2)-alpha-D-mannopyranose-(1-3)-[alpha-D-mannopyranose-(1-6)]alpha-D-mannopyranose
3 non-polymer 'CALCIUM ION'
4 non-polymer 'SODIUM ION'
5 non-polymer 'CHLORIDE ION'
6 non-polymer GLYCEROL
7 water water
#
_entity_poly.entity_id   1
_entity_poly.type   'polypeptide(L)'
_entity_poly.pdbx_seq_one_letter_code
;GLVPRGSHMSGATEACLPAGQRKSGMNINFYQYSLKDSSTYSNAAYMAYGYASKTKLGSVGGQTDISIDYNIPCVSSSGT
FPCPQEDSYGNWGCKGMGACSNSQGIAYWSTDLFGFYTTPTNVTLEMTGYFLPPQTGSYTFSFATVDDSAILSVGGSIAF
ECCAQEQPPITSTNFTINGIKPWDGSLPDNITGTVYMYAGYYYPLKVVYSNAVSWGTLPISVELPDGTTVSDNFEGYVYS
FDDDLSQSNCTIPDPSIH
;
_entity_poly.pdbx_strand_id   A
#
loop_
_chem_comp.id
_chem_comp.type
_chem_comp.name
_chem_comp.formula
CA non-polymer 'CALCIUM ION' 'Ca 2'
CL non-polymer 'CHLORIDE ION' 'Cl -1'
GOL non-polymer GLYCEROL 'C3 H8 O3'
MAN D-saccharide, alpha linking alpha-D-mannopyranose 'C6 H12 O6'
NA non-polymer 'SODIUM ION' 'Na 1'
#
# COMPACT_ATOMS: atom_id res chain seq x y z
N LEU A 2 16.79 -31.89 -17.72
CA LEU A 2 17.92 -30.93 -17.56
C LEU A 2 17.49 -29.56 -17.01
N VAL A 3 16.25 -29.16 -17.29
CA VAL A 3 15.76 -27.86 -16.85
CA VAL A 3 15.79 -27.90 -16.78
C VAL A 3 14.43 -27.96 -16.13
N PRO A 4 14.11 -26.94 -15.32
CA PRO A 4 12.79 -26.96 -14.71
C PRO A 4 11.74 -26.77 -15.83
N ARG A 5 10.51 -27.22 -15.56
CA ARG A 5 9.43 -27.22 -16.53
C ARG A 5 8.72 -25.87 -16.66
N GLY A 6 8.82 -25.03 -15.61
CA GLY A 6 8.16 -23.74 -15.58
C GLY A 6 6.83 -23.85 -14.89
N SER A 7 6.35 -22.76 -14.29
CA SER A 7 4.99 -22.76 -13.75
C SER A 7 3.95 -23.00 -14.86
N HIS A 8 2.90 -23.73 -14.51
CA HIS A 8 1.89 -24.10 -15.51
C HIS A 8 1.14 -22.91 -16.10
N MET A 9 0.90 -22.98 -17.40
CA MET A 9 0.09 -21.98 -18.08
C MET A 9 0.63 -20.56 -17.88
N SER A 10 1.93 -20.42 -18.02
CA SER A 10 2.61 -19.14 -17.83
C SER A 10 2.18 -18.45 -16.55
N GLY A 11 2.00 -19.23 -15.48
CA GLY A 11 1.45 -18.72 -14.25
C GLY A 11 2.43 -18.01 -13.34
N ALA A 12 3.74 -18.03 -13.59
CA ALA A 12 4.71 -17.31 -12.75
C ALA A 12 4.46 -15.82 -12.82
N THR A 13 4.61 -15.13 -11.69
CA THR A 13 4.51 -13.69 -11.61
C THR A 13 5.71 -13.04 -12.32
N GLU A 14 5.44 -12.08 -13.18
CA GLU A 14 6.49 -11.35 -13.86
C GLU A 14 7.33 -10.55 -12.88
N ALA A 15 8.64 -10.57 -13.07
CA ALA A 15 9.59 -9.83 -12.25
C ALA A 15 10.51 -9.04 -13.15
N CYS A 16 11.53 -8.42 -12.56
CA CYS A 16 12.37 -7.48 -13.25
C CYS A 16 13.81 -7.59 -12.76
N LEU A 17 14.74 -7.14 -13.60
CA LEU A 17 16.17 -7.01 -13.19
C LEU A 17 16.67 -5.62 -13.64
N PRO A 18 16.23 -4.55 -12.95
CA PRO A 18 16.71 -3.22 -13.33
C PRO A 18 18.22 -3.11 -13.13
N ALA A 19 18.90 -2.48 -14.08
CA ALA A 19 20.36 -2.37 -14.09
C ALA A 19 20.90 -1.08 -13.51
N GLY A 20 20.03 -0.14 -13.14
CA GLY A 20 20.47 1.15 -12.63
C GLY A 20 20.77 1.14 -11.16
N GLN A 21 20.96 2.36 -10.67
CA GLN A 21 21.30 2.59 -9.27
C GLN A 21 20.10 2.30 -8.37
N ARG A 22 20.25 1.31 -7.50
CA ARG A 22 19.19 0.98 -6.58
C ARG A 22 19.15 1.98 -5.42
N LYS A 23 17.94 2.33 -4.97
CA LYS A 23 17.72 3.24 -3.85
C LYS A 23 16.88 2.47 -2.84
N SER A 24 17.17 2.64 -1.56
CA SER A 24 16.42 2.01 -0.51
C SER A 24 15.05 2.66 -0.35
N GLY A 25 14.02 1.83 -0.24
CA GLY A 25 12.68 2.31 0.06
C GLY A 25 11.78 2.53 -1.13
N MET A 26 10.56 2.91 -0.77
CA MET A 26 9.42 3.14 -1.65
CA MET A 26 9.50 3.16 -1.73
C MET A 26 9.24 4.63 -1.91
N ASN A 27 8.72 4.93 -3.08
CA ASN A 27 8.21 6.26 -3.39
C ASN A 27 6.74 6.35 -2.98
N ILE A 28 6.37 7.47 -2.35
CA ILE A 28 5.01 7.75 -1.96
C ILE A 28 4.52 9.02 -2.64
N ASN A 29 3.53 8.87 -3.52
CA ASN A 29 2.85 10.02 -4.13
C ASN A 29 1.53 10.23 -3.41
N PHE A 30 1.15 11.49 -3.23
CA PHE A 30 -0.06 11.91 -2.54
C PHE A 30 -0.97 12.63 -3.52
N TYR A 31 -2.25 12.30 -3.46
CA TYR A 31 -3.27 12.83 -4.33
C TYR A 31 -4.49 13.30 -3.54
N GLN A 32 -5.17 14.31 -4.06
CA GLN A 32 -6.38 14.84 -3.48
C GLN A 32 -7.45 13.78 -3.32
N TYR A 33 -8.13 13.83 -2.17
CA TYR A 33 -9.30 13.00 -1.94
C TYR A 33 -10.23 13.82 -1.04
N SER A 34 -11.51 13.88 -1.39
CA SER A 34 -12.44 14.76 -0.72
C SER A 34 -12.88 14.29 0.65
N LEU A 35 -12.87 15.19 1.64
CA LEU A 35 -13.33 14.86 2.97
C LEU A 35 -14.76 14.33 2.90
N LYS A 36 -14.98 13.21 3.55
CA LYS A 36 -16.29 12.56 3.69
C LYS A 36 -16.88 12.04 2.39
N ASP A 37 -16.05 11.86 1.37
CA ASP A 37 -16.43 11.18 0.13
C ASP A 37 -16.37 9.69 0.39
N SER A 38 -17.52 9.05 0.60
CA SER A 38 -17.57 7.62 0.91
C SER A 38 -17.93 6.76 -0.29
N SER A 39 -17.77 7.31 -1.49
CA SER A 39 -18.02 6.52 -2.67
CA SER A 39 -18.07 6.65 -2.74
CA SER A 39 -18.06 6.59 -2.72
C SER A 39 -16.85 6.39 -3.65
N THR A 40 -16.04 7.42 -3.85
CA THR A 40 -15.01 7.37 -4.88
C THR A 40 -14.06 6.21 -4.68
N TYR A 41 -13.67 5.99 -3.45
CA TYR A 41 -12.71 4.95 -3.10
CA TYR A 41 -12.67 4.94 -3.25
C TYR A 41 -13.25 3.53 -3.14
N SER A 42 -14.50 3.39 -3.54
CA SER A 42 -15.13 2.07 -3.65
C SER A 42 -15.11 1.49 -5.06
N ASN A 43 -14.50 2.21 -5.99
CA ASN A 43 -14.39 1.83 -7.38
CA ASN A 43 -14.38 1.79 -7.37
C ASN A 43 -12.99 1.25 -7.64
N ALA A 44 -12.92 0.06 -8.26
CA ALA A 44 -11.65 -0.58 -8.58
C ALA A 44 -10.83 0.29 -9.52
N ALA A 45 -11.44 0.90 -10.53
CA ALA A 45 -10.72 1.70 -11.47
C ALA A 45 -10.06 2.85 -10.70
N TYR A 46 -10.76 3.47 -9.74
CA TYR A 46 -10.18 4.57 -8.98
C TYR A 46 -8.97 4.10 -8.20
N MET A 47 -9.10 2.97 -7.51
CA MET A 47 -7.99 2.50 -6.64
C MET A 47 -6.82 1.94 -7.45
N ALA A 48 -7.06 1.45 -8.67
CA ALA A 48 -5.96 0.97 -9.51
C ALA A 48 -5.20 2.09 -10.23
N TYR A 49 -5.90 3.11 -10.71
CA TYR A 49 -5.23 4.18 -11.46
CA TYR A 49 -5.29 4.15 -11.51
C TYR A 49 -5.98 5.51 -11.47
N GLY A 50 -7.30 5.56 -11.24
CA GLY A 50 -8.02 6.81 -11.31
C GLY A 50 -7.63 7.84 -10.29
N TYR A 51 -7.02 7.40 -9.20
CA TYR A 51 -6.52 8.34 -8.21
C TYR A 51 -5.58 9.38 -8.84
N ALA A 52 -4.81 8.97 -9.85
CA ALA A 52 -3.81 9.84 -10.44
C ALA A 52 -4.43 10.90 -11.37
N SER A 53 -5.74 10.82 -11.59
CA SER A 53 -6.45 11.85 -12.35
CA SER A 53 -6.46 11.84 -12.35
C SER A 53 -6.86 13.04 -11.47
N LYS A 54 -6.70 12.89 -10.17
CA LYS A 54 -6.95 13.97 -9.22
C LYS A 54 -5.66 14.75 -9.05
N THR A 55 -5.68 15.91 -8.42
CA THR A 55 -4.48 16.71 -8.22
C THR A 55 -3.43 15.94 -7.41
N LYS A 56 -2.20 15.93 -7.93
CA LYS A 56 -1.07 15.39 -7.20
C LYS A 56 -0.62 16.47 -6.22
N LEU A 57 -0.53 16.13 -4.94
CA LEU A 57 -0.18 17.05 -3.86
C LEU A 57 1.33 17.17 -3.65
N GLY A 58 2.06 16.08 -3.92
CA GLY A 58 3.50 15.98 -3.72
C GLY A 58 3.91 14.55 -3.55
N SER A 59 5.11 14.40 -3.02
CA SER A 59 5.73 13.08 -2.90
C SER A 59 6.87 13.07 -1.90
N VAL A 60 7.16 11.87 -1.42
CA VAL A 60 8.36 11.61 -0.64
CA VAL A 60 8.33 11.59 -0.59
C VAL A 60 8.95 10.29 -1.13
N GLY A 61 10.26 10.18 -1.12
CA GLY A 61 10.96 8.98 -1.55
C GLY A 61 11.66 8.31 -0.40
N GLY A 62 12.15 7.11 -0.68
CA GLY A 62 13.00 6.39 0.24
C GLY A 62 12.38 5.87 1.51
N GLN A 63 11.10 5.54 1.44
CA GLN A 63 10.34 5.12 2.62
C GLN A 63 10.37 3.62 2.83
N THR A 64 10.84 3.20 4.00
CA THR A 64 10.87 1.79 4.36
C THR A 64 9.83 1.34 5.39
N ASP A 65 9.37 2.29 6.20
CA ASP A 65 8.31 1.98 7.17
CA ASP A 65 8.34 2.06 7.21
C ASP A 65 7.04 2.47 6.51
N ILE A 66 6.24 1.49 6.10
CA ILE A 66 5.15 1.76 5.18
C ILE A 66 3.73 1.60 5.75
N SER A 67 3.61 1.14 6.98
CA SER A 67 2.29 1.08 7.58
C SER A 67 1.72 2.45 7.90
N ILE A 68 0.40 2.54 7.90
CA ILE A 68 -0.32 3.77 8.22
C ILE A 68 -1.01 3.61 9.56
N ASP A 69 -0.81 4.58 10.46
CA ASP A 69 -1.52 4.59 11.75
C ASP A 69 -1.74 6.05 12.15
N TYR A 70 -2.73 6.67 11.52
CA TYR A 70 -3.06 8.09 11.70
C TYR A 70 -4.21 8.22 12.70
N ASN A 71 -3.95 9.03 13.73
CA ASN A 71 -4.90 9.33 14.78
C ASN A 71 -5.21 10.81 14.76
N ILE A 72 -6.51 11.18 14.79
CA ILE A 72 -6.91 12.57 14.84
C ILE A 72 -6.57 13.18 16.19
N PRO A 73 -6.44 14.52 16.22
CA PRO A 73 -6.23 15.22 17.49
C PRO A 73 -7.46 15.16 18.38
N CYS A 74 -7.20 15.18 19.68
CA CYS A 74 -8.16 15.54 20.72
C CYS A 74 -7.66 16.86 21.33
N VAL A 75 -8.47 17.91 21.15
CA VAL A 75 -8.19 19.23 21.74
C VAL A 75 -8.79 19.17 23.15
N SER A 76 -7.94 18.96 24.14
CA SER A 76 -8.28 18.55 25.52
C SER A 76 -7.92 19.68 26.46
N SER A 77 -8.31 19.48 27.71
CA SER A 77 -7.96 20.41 28.77
C SER A 77 -6.46 20.58 28.97
N SER A 78 -5.65 19.58 28.65
CA SER A 78 -4.20 19.66 28.87
C SER A 78 -3.40 19.94 27.60
N GLY A 79 -4.06 20.19 26.47
CA GLY A 79 -3.41 20.46 25.19
C GLY A 79 -3.98 19.58 24.10
N THR A 80 -3.36 19.61 22.93
CA THR A 80 -3.80 18.85 21.75
C THR A 80 -2.90 17.65 21.52
N PHE A 81 -3.47 16.44 21.57
CA PHE A 81 -2.70 15.19 21.45
C PHE A 81 -3.48 14.22 20.58
N PRO A 82 -2.76 13.35 19.86
CA PRO A 82 -3.44 12.39 19.01
C PRO A 82 -4.21 11.37 19.85
N CYS A 83 -5.40 10.95 19.43
CA CYS A 83 -6.20 9.99 20.17
C CYS A 83 -6.24 8.66 19.46
N PRO A 84 -5.71 7.59 20.08
CA PRO A 84 -5.94 6.25 19.50
C PRO A 84 -7.41 5.97 19.37
N GLN A 85 -7.86 5.43 18.24
CA GLN A 85 -9.28 5.27 18.02
CA GLN A 85 -9.29 5.31 18.04
C GLN A 85 -9.98 4.48 19.11
N GLU A 86 -9.33 3.45 19.60
CA GLU A 86 -9.93 2.60 20.64
C GLU A 86 -10.06 3.30 21.98
N ASP A 87 -9.39 4.43 22.13
CA ASP A 87 -9.53 5.26 23.33
C ASP A 87 -10.55 6.36 23.19
N SER A 88 -11.10 6.54 22.00
CA SER A 88 -12.18 7.54 21.84
C SER A 88 -13.44 6.99 22.48
N TYR A 89 -14.24 7.87 23.04
CA TYR A 89 -15.49 7.45 23.69
C TYR A 89 -16.48 8.60 23.69
N GLY A 90 -17.72 8.30 23.99
CA GLY A 90 -18.71 9.35 24.15
C GLY A 90 -18.85 10.20 22.90
N ASN A 91 -19.13 11.48 23.11
CA ASN A 91 -19.40 12.39 22.01
CA ASN A 91 -19.37 12.36 21.97
C ASN A 91 -18.67 13.72 22.04
N TRP A 92 -17.34 13.79 22.21
CA TRP A 92 -16.41 12.67 22.38
C TRP A 92 -15.30 13.13 23.31
N GLY A 93 -14.67 12.11 23.88
CA GLY A 93 -13.48 12.29 24.72
C GLY A 93 -12.47 11.25 24.30
N CYS A 94 -11.28 11.33 24.90
CA CYS A 94 -10.18 10.40 24.63
C CYS A 94 -9.66 9.95 25.99
N LYS A 95 -9.61 8.65 26.22
CA LYS A 95 -9.24 8.12 27.53
CA LYS A 95 -9.26 8.15 27.56
C LYS A 95 -7.91 8.72 28.02
N GLY A 96 -7.94 9.26 29.22
CA GLY A 96 -6.79 9.93 29.81
C GLY A 96 -6.65 11.40 29.49
N MET A 97 -7.58 11.91 28.70
CA MET A 97 -7.55 13.31 28.28
C MET A 97 -8.82 14.09 28.62
N GLY A 98 -9.91 13.41 28.97
CA GLY A 98 -11.18 14.10 29.14
C GLY A 98 -11.87 14.34 27.82
N ALA A 99 -12.82 15.26 27.86
CA ALA A 99 -13.61 15.60 26.69
C ALA A 99 -12.78 16.38 25.69
N CYS A 100 -13.01 16.13 24.40
CA CYS A 100 -12.33 16.80 23.32
C CYS A 100 -13.28 17.86 22.76
N SER A 101 -12.79 19.08 22.50
CA SER A 101 -13.68 20.14 22.04
C SER A 101 -13.84 20.18 20.53
N ASN A 102 -12.98 19.48 19.79
CA ASN A 102 -12.92 19.56 18.35
C ASN A 102 -13.77 18.51 17.66
N SER A 103 -14.07 18.76 16.39
CA SER A 103 -14.92 17.88 15.60
C SER A 103 -14.14 16.70 15.03
N GLN A 104 -14.75 15.53 15.01
CA GLN A 104 -14.25 14.39 14.29
C GLN A 104 -14.49 14.47 12.78
N GLY A 105 -15.26 15.44 12.32
CA GLY A 105 -15.71 15.53 10.96
C GLY A 105 -15.08 16.58 10.06
N ILE A 106 -14.01 17.24 10.51
CA ILE A 106 -13.30 18.20 9.72
C ILE A 106 -11.94 17.63 9.25
N ALA A 107 -11.32 18.32 8.29
CA ALA A 107 -9.96 17.96 7.86
C ALA A 107 -8.97 18.39 8.92
N TYR A 108 -7.86 17.64 9.06
CA TYR A 108 -6.73 18.00 9.90
C TYR A 108 -5.45 17.88 9.07
N TRP A 109 -4.54 18.80 9.35
CA TRP A 109 -3.23 18.88 8.70
C TRP A 109 -2.14 18.37 9.62
N SER A 110 -1.26 17.54 9.07
CA SER A 110 -0.20 16.91 9.85
C SER A 110 0.85 16.35 8.90
N THR A 111 2.03 16.10 9.44
CA THR A 111 3.12 15.38 8.79
C THR A 111 3.15 13.89 9.12
N ASP A 112 2.10 13.36 9.75
CA ASP A 112 2.13 11.98 10.22
CA ASP A 112 2.09 11.97 10.20
C ASP A 112 2.33 10.95 9.10
N LEU A 113 1.87 11.23 7.88
CA LEU A 113 2.08 10.31 6.76
C LEU A 113 3.43 10.65 6.14
N PHE A 114 4.46 9.89 6.54
CA PHE A 114 5.77 9.87 5.88
C PHE A 114 6.49 11.19 5.91
N GLY A 115 6.11 12.07 6.85
CA GLY A 115 6.74 13.37 6.96
C GLY A 115 6.20 14.44 6.04
N PHE A 116 5.23 14.07 5.20
CA PHE A 116 4.71 14.98 4.18
C PHE A 116 3.51 15.74 4.77
N TYR A 117 3.57 17.07 4.75
CA TYR A 117 2.48 17.89 5.31
C TYR A 117 1.28 17.89 4.37
N THR A 118 0.18 17.29 4.85
CA THR A 118 -1.04 17.17 4.07
C THR A 118 -2.20 16.96 5.07
N THR A 119 -3.34 16.52 4.53
CA THR A 119 -4.52 16.19 5.34
C THR A 119 -4.69 14.67 5.44
N PRO A 120 -4.15 14.04 6.48
CA PRO A 120 -4.29 12.58 6.54
C PRO A 120 -5.70 12.06 6.69
N THR A 121 -6.60 12.93 7.15
CA THR A 121 -8.05 12.66 7.20
C THR A 121 -8.66 12.36 5.85
N ASN A 122 -8.08 12.91 4.78
CA ASN A 122 -8.72 12.86 3.47
C ASN A 122 -7.63 13.01 2.41
N VAL A 123 -7.19 11.87 1.88
CA VAL A 123 -6.07 11.80 0.96
C VAL A 123 -6.02 10.41 0.36
N THR A 124 -5.40 10.30 -0.82
CA THR A 124 -5.04 9.02 -1.39
C THR A 124 -3.54 8.99 -1.60
N LEU A 125 -2.91 7.87 -1.28
CA LEU A 125 -1.51 7.80 -1.60
CA LEU A 125 -1.46 7.62 -1.32
C LEU A 125 -1.21 6.50 -2.34
N GLU A 126 -0.14 6.60 -3.10
CA GLU A 126 0.37 5.52 -3.95
C GLU A 126 1.81 5.25 -3.52
N MET A 127 2.07 4.04 -3.05
CA MET A 127 3.41 3.58 -2.71
C MET A 127 3.87 2.70 -3.89
N THR A 128 5.07 2.98 -4.41
CA THR A 128 5.67 2.14 -5.43
C THR A 128 7.10 1.80 -5.09
N GLY A 129 7.52 0.65 -5.57
CA GLY A 129 8.90 0.20 -5.47
C GLY A 129 8.94 -1.25 -5.90
N TYR A 130 10.04 -1.91 -5.57
CA TYR A 130 10.27 -3.29 -5.93
C TYR A 130 10.58 -4.06 -4.65
N PHE A 131 9.92 -5.21 -4.53
CA PHE A 131 10.15 -6.15 -3.42
C PHE A 131 11.20 -7.16 -3.86
N LEU A 132 12.24 -7.30 -3.05
CA LEU A 132 13.36 -8.20 -3.32
C LEU A 132 13.29 -9.39 -2.37
N PRO A 133 12.83 -10.54 -2.85
CA PRO A 133 12.77 -11.70 -2.00
C PRO A 133 14.19 -12.23 -1.73
N PRO A 134 14.56 -12.48 -0.46
CA PRO A 134 15.86 -13.08 -0.18
C PRO A 134 15.84 -14.61 -0.33
N GLN A 135 14.65 -15.18 -0.29
CA GLN A 135 14.32 -16.61 -0.24
CA GLN A 135 14.50 -16.60 -0.40
C GLN A 135 13.35 -16.96 -1.35
N THR A 136 13.52 -18.04 -2.08
CA THR A 136 12.50 -18.52 -3.02
C THR A 136 11.38 -19.22 -2.27
N GLY A 137 10.14 -18.86 -2.58
CA GLY A 137 8.98 -19.53 -1.99
C GLY A 137 7.76 -18.63 -1.97
N SER A 138 6.80 -19.04 -1.15
CA SER A 138 5.54 -18.35 -1.06
CA SER A 138 5.52 -18.35 -1.04
C SER A 138 5.61 -17.25 0.00
N TYR A 139 5.22 -16.04 -0.42
CA TYR A 139 5.13 -14.85 0.42
C TYR A 139 3.67 -14.49 0.59
N THR A 140 3.23 -14.31 1.83
CA THR A 140 1.85 -13.90 2.09
C THR A 140 1.82 -12.47 2.61
N PHE A 141 1.32 -11.56 1.78
CA PHE A 141 1.15 -10.17 2.17
C PHE A 141 -0.19 -10.03 2.90
N SER A 142 -0.25 -9.10 3.85
CA SER A 142 -1.50 -8.87 4.55
CA SER A 142 -1.42 -8.91 4.68
C SER A 142 -1.65 -7.44 5.03
N PHE A 143 -2.92 -7.08 5.12
CA PHE A 143 -3.37 -5.86 5.81
C PHE A 143 -4.10 -6.35 7.07
N ALA A 144 -3.69 -5.91 8.25
CA ALA A 144 -4.36 -6.40 9.46
C ALA A 144 -5.80 -5.87 9.55
N THR A 145 -6.01 -4.66 9.05
CA THR A 145 -7.27 -3.98 8.90
C THR A 145 -7.09 -2.91 7.81
N VAL A 146 -8.20 -2.29 7.40
CA VAL A 146 -8.16 -1.24 6.37
C VAL A 146 -9.13 -0.14 6.77
N ASP A 147 -8.65 1.10 6.92
CA ASP A 147 -9.53 2.24 7.18
C ASP A 147 -8.95 3.41 6.37
N ASP A 148 -9.48 3.76 5.19
CA ASP A 148 -10.79 3.34 4.67
CA ASP A 148 -10.78 3.33 4.67
C ASP A 148 -10.72 2.31 3.52
N SER A 149 -9.82 2.46 2.56
CA SER A 149 -9.83 1.62 1.32
C SER A 149 -8.38 1.42 0.90
N ALA A 150 -8.02 0.23 0.43
CA ALA A 150 -6.64 -0.02 0.00
C ALA A 150 -6.58 -1.21 -0.91
N ILE A 151 -5.55 -1.20 -1.74
CA ILE A 151 -5.15 -2.36 -2.56
C ILE A 151 -3.66 -2.54 -2.43
N LEU A 152 -3.21 -3.77 -2.67
CA LEU A 152 -1.81 -4.10 -2.81
C LEU A 152 -1.69 -4.98 -4.07
N SER A 153 -0.73 -4.64 -4.91
CA SER A 153 -0.49 -5.38 -6.16
C SER A 153 0.99 -5.70 -6.28
N VAL A 154 1.26 -6.93 -6.68
CA VAL A 154 2.64 -7.43 -6.89
C VAL A 154 2.77 -8.01 -8.29
N GLY A 155 3.85 -7.60 -8.94
CA GLY A 155 4.21 -8.19 -10.21
C GLY A 155 4.31 -7.23 -11.37
N GLY A 156 5.21 -7.53 -12.30
CA GLY A 156 5.25 -6.81 -13.55
C GLY A 156 3.92 -6.92 -14.25
N SER A 157 3.47 -5.81 -14.83
CA SER A 157 2.19 -5.74 -15.53
C SER A 157 0.97 -5.83 -14.61
N ILE A 158 1.20 -5.81 -13.29
CA ILE A 158 0.12 -5.83 -12.31
CA ILE A 158 0.15 -5.87 -12.27
C ILE A 158 0.30 -4.61 -11.43
N ALA A 159 1.41 -4.46 -10.74
CA ALA A 159 1.73 -3.26 -9.95
C ALA A 159 2.10 -2.09 -10.85
N PHE A 160 3.01 -2.32 -11.80
CA PHE A 160 3.52 -1.36 -12.77
C PHE A 160 4.43 -2.14 -13.73
N GLU A 161 4.97 -1.47 -14.74
CA GLU A 161 5.84 -2.12 -15.70
C GLU A 161 7.31 -2.07 -15.27
N CYS A 162 8.02 -3.16 -15.55
CA CYS A 162 9.43 -3.20 -15.21
C CYS A 162 10.19 -2.01 -15.75
N CYS A 163 11.07 -1.47 -14.91
CA CYS A 163 11.92 -0.33 -15.25
C CYS A 163 11.13 0.94 -15.56
N ALA A 164 9.89 0.99 -15.10
CA ALA A 164 8.98 2.09 -15.36
C ALA A 164 8.19 2.47 -14.11
N GLN A 165 8.88 2.43 -12.96
CA GLN A 165 8.27 2.73 -11.67
C GLN A 165 7.59 4.09 -11.62
N GLU A 166 8.15 5.08 -12.30
CA GLU A 166 7.69 6.46 -12.18
C GLU A 166 6.62 6.87 -13.17
N GLN A 167 6.14 5.96 -13.99
CA GLN A 167 5.16 6.25 -15.02
C GLN A 167 3.76 6.40 -14.41
N PRO A 168 2.84 7.03 -15.16
CA PRO A 168 1.46 7.00 -14.71
C PRO A 168 1.00 5.58 -14.44
N PRO A 169 0.05 5.39 -13.53
CA PRO A 169 -0.36 4.04 -13.19
C PRO A 169 -0.93 3.26 -14.37
N ILE A 170 -0.66 1.97 -14.33
CA ILE A 170 -1.23 1.03 -15.30
C ILE A 170 -2.65 0.70 -14.87
N THR A 171 -3.42 0.05 -15.74
CA THR A 171 -4.82 -0.12 -15.50
C THR A 171 -5.22 -1.44 -14.89
N SER A 172 -4.25 -2.30 -14.59
CA SER A 172 -4.57 -3.61 -14.01
C SER A 172 -5.38 -3.49 -12.70
N THR A 173 -6.46 -4.26 -12.63
CA THR A 173 -7.24 -4.43 -11.43
C THR A 173 -7.04 -5.84 -10.85
N ASN A 174 -5.98 -6.54 -11.27
CA ASN A 174 -5.72 -7.86 -10.72
C ASN A 174 -4.98 -7.80 -9.39
N PHE A 175 -5.64 -7.23 -8.39
CA PHE A 175 -4.99 -6.91 -7.13
C PHE A 175 -4.57 -8.18 -6.40
N THR A 176 -3.44 -8.09 -5.71
CA THR A 176 -2.99 -9.15 -4.86
C THR A 176 -3.80 -9.20 -3.55
N ILE A 177 -4.01 -8.02 -2.96
CA ILE A 177 -4.96 -7.81 -1.87
C ILE A 177 -5.97 -6.77 -2.32
N ASN A 178 -7.25 -7.16 -2.42
CA ASN A 178 -8.39 -6.25 -2.64
C ASN A 178 -8.94 -5.89 -1.27
N GLY A 179 -8.56 -4.72 -0.79
CA GLY A 179 -9.07 -4.10 0.43
C GLY A 179 -9.98 -2.89 0.14
N ILE A 180 -10.64 -2.91 -1.03
CA ILE A 180 -11.50 -1.80 -1.46
C ILE A 180 -12.71 -1.77 -0.55
N LYS A 181 -13.09 -0.58 -0.08
CA LYS A 181 -14.25 -0.40 0.79
CA LYS A 181 -14.24 -0.44 0.81
C LYS A 181 -15.50 -0.85 0.04
N PRO A 182 -16.22 -1.87 0.54
CA PRO A 182 -17.40 -2.24 -0.23
CA PRO A 182 -17.46 -2.30 -0.10
C PRO A 182 -18.51 -1.19 -0.11
N TRP A 183 -19.38 -1.25 -1.10
CA TRP A 183 -20.48 -0.29 -1.19
C TRP A 183 -21.44 -0.42 -0.01
N ASP A 184 -21.56 -1.65 0.49
CA ASP A 184 -22.57 -1.97 1.50
C ASP A 184 -22.09 -1.81 2.94
N GLY A 185 -20.81 -1.56 3.15
CA GLY A 185 -20.29 -1.43 4.51
C GLY A 185 -19.21 -2.46 4.84
N SER A 186 -18.20 -1.99 5.56
CA SER A 186 -16.94 -2.69 5.85
C SER A 186 -16.61 -4.15 5.49
N LEU A 187 -15.36 -4.48 5.77
N LEU A 187 -15.31 -4.42 5.42
CA LEU A 187 -14.87 -5.84 5.62
CA LEU A 187 -14.75 -5.72 5.07
C LEU A 187 -14.88 -6.27 4.16
C LEU A 187 -14.14 -6.38 6.31
N PRO A 188 -13.77 -5.97 3.47
N PRO A 188 -13.79 -7.68 6.21
CA PRO A 188 -13.60 -6.60 2.18
CA PRO A 188 -13.20 -8.43 7.32
C PRO A 188 -13.55 -8.06 2.59
C PRO A 188 -11.74 -8.05 7.52
N ASP A 189 -13.83 -9.01 1.71
N ASP A 189 -11.18 -8.38 8.67
CA ASP A 189 -13.82 -10.38 2.23
CA ASP A 189 -9.81 -8.03 8.99
C ASP A 189 -12.45 -10.99 2.47
C ASP A 189 -8.91 -9.17 8.55
N ASN A 190 -11.40 -10.52 1.79
N ASN A 190 -7.62 -8.89 8.53
CA ASN A 190 -10.08 -11.10 2.03
CA ASN A 190 -6.62 -9.86 8.12
C ASN A 190 -8.99 -10.05 1.96
C ASN A 190 -6.83 -10.41 6.72
N ILE A 191 -8.28 -9.86 3.07
N ILE A 191 -6.79 -9.44 5.82
CA ILE A 191 -7.19 -8.89 3.09
CA ILE A 191 -7.01 -9.65 4.40
C ILE A 191 -5.79 -9.55 3.22
C ILE A 191 -5.63 -9.92 3.81
N THR A 192 -5.59 -10.83 2.85
CA THR A 192 -4.28 -11.40 2.52
C THR A 192 -4.22 -11.77 1.05
N GLY A 193 -2.99 -11.94 0.56
CA GLY A 193 -2.77 -12.41 -0.80
C GLY A 193 -1.37 -13.00 -0.84
N THR A 194 -1.23 -14.10 -1.59
CA THR A 194 0.02 -14.86 -1.67
CA THR A 194 0.04 -14.83 -1.66
C THR A 194 0.62 -14.76 -3.06
N VAL A 195 1.94 -14.65 -3.12
CA VAL A 195 2.73 -14.58 -4.34
CA VAL A 195 2.64 -14.72 -4.38
C VAL A 195 3.90 -15.56 -4.20
N TYR A 196 4.14 -16.38 -5.22
CA TYR A 196 5.33 -17.22 -5.26
C TYR A 196 6.46 -16.38 -5.86
N MET A 197 7.59 -16.22 -5.17
CA MET A 197 8.68 -15.38 -5.64
CA MET A 197 8.67 -15.38 -5.68
C MET A 197 10.00 -16.12 -5.65
N TYR A 198 10.82 -15.79 -6.64
CA TYR A 198 12.14 -16.38 -6.82
C TYR A 198 13.19 -15.39 -6.32
N ALA A 199 14.11 -15.87 -5.45
CA ALA A 199 15.12 -15.04 -4.82
C ALA A 199 15.93 -14.24 -5.82
N GLY A 200 16.18 -12.96 -5.49
CA GLY A 200 17.06 -12.12 -6.27
C GLY A 200 16.44 -11.36 -7.41
N TYR A 201 15.17 -11.64 -7.75
CA TYR A 201 14.47 -10.89 -8.75
C TYR A 201 13.70 -9.76 -8.07
N TYR A 202 13.53 -8.64 -8.79
CA TYR A 202 12.84 -7.48 -8.25
C TYR A 202 11.37 -7.48 -8.72
N TYR A 203 10.45 -7.59 -7.75
CA TYR A 203 9.02 -7.66 -8.05
C TYR A 203 8.36 -6.32 -7.82
N PRO A 204 7.82 -5.72 -8.90
CA PRO A 204 7.04 -4.49 -8.72
C PRO A 204 5.99 -4.65 -7.62
N LEU A 205 5.90 -3.62 -6.78
CA LEU A 205 4.98 -3.54 -5.65
C LEU A 205 4.31 -2.17 -5.64
N LYS A 206 2.98 -2.20 -5.60
CA LYS A 206 2.17 -1.00 -5.49
C LYS A 206 1.17 -1.16 -4.37
N VAL A 207 1.08 -0.16 -3.49
CA VAL A 207 0.00 -0.06 -2.52
C VAL A 207 -0.72 1.27 -2.77
N VAL A 208 -2.04 1.22 -2.89
CA VAL A 208 -2.86 2.44 -3.00
C VAL A 208 -3.75 2.44 -1.78
N TYR A 209 -3.80 3.57 -1.08
CA TYR A 209 -4.51 3.70 0.18
C TYR A 209 -5.29 5.01 0.19
N SER A 210 -6.52 4.96 0.70
CA SER A 210 -7.33 6.16 0.83
CA SER A 210 -7.36 6.15 0.83
C SER A 210 -7.99 6.23 2.21
N ASN A 211 -8.03 7.47 2.70
CA ASN A 211 -8.79 7.87 3.88
C ASN A 211 -9.77 8.96 3.47
N ALA A 212 -11.02 8.86 3.92
CA ALA A 212 -12.04 9.86 3.69
C ALA A 212 -12.35 10.72 4.90
N VAL A 213 -12.15 10.20 6.10
CA VAL A 213 -12.47 10.97 7.29
C VAL A 213 -11.71 10.40 8.47
N SER A 214 -11.42 11.24 9.44
CA SER A 214 -10.86 10.91 10.70
C SER A 214 -9.70 9.89 10.63
N TRP A 215 -9.78 8.82 11.40
CA TRP A 215 -8.67 7.86 11.53
C TRP A 215 -8.31 7.20 10.21
N GLY A 216 -7.03 6.87 10.08
CA GLY A 216 -6.52 6.14 8.92
C GLY A 216 -5.65 5.00 9.43
N THR A 217 -5.85 3.79 8.91
CA THR A 217 -5.13 2.63 9.42
C THR A 217 -4.89 1.63 8.29
N LEU A 218 -3.62 1.22 8.16
CA LEU A 218 -3.21 0.20 7.19
C LEU A 218 -1.93 -0.49 7.68
N PRO A 219 -2.07 -1.54 8.53
CA PRO A 219 -0.90 -2.22 9.06
C PRO A 219 -0.50 -3.31 8.06
N ILE A 220 0.65 -3.11 7.40
CA ILE A 220 1.11 -3.96 6.31
C ILE A 220 2.19 -4.94 6.82
N SER A 221 2.03 -6.21 6.47
CA SER A 221 2.95 -7.28 6.83
CA SER A 221 3.04 -7.21 6.79
C SER A 221 3.18 -8.22 5.65
N VAL A 222 4.26 -9.00 5.76
CA VAL A 222 4.47 -10.13 4.84
C VAL A 222 5.03 -11.29 5.66
N GLU A 223 4.50 -12.48 5.35
CA GLU A 223 5.03 -13.75 5.87
C GLU A 223 5.99 -14.32 4.82
N LEU A 224 7.22 -14.60 5.23
CA LEU A 224 8.27 -15.11 4.36
C LEU A 224 8.14 -16.64 4.24
N PRO A 225 8.84 -17.20 3.26
CA PRO A 225 8.84 -18.65 3.11
C PRO A 225 9.25 -19.39 4.38
N ASP A 226 10.15 -18.83 5.19
CA ASP A 226 10.61 -19.49 6.41
C ASP A 226 9.62 -19.40 7.55
N GLY A 227 8.49 -18.73 7.31
CA GLY A 227 7.41 -18.65 8.30
C GLY A 227 7.50 -17.45 9.23
N THR A 228 8.56 -16.67 9.12
CA THR A 228 8.63 -15.46 9.91
C THR A 228 7.84 -14.34 9.23
N THR A 229 7.48 -13.34 10.03
CA THR A 229 6.67 -12.21 9.58
C THR A 229 7.48 -10.93 9.71
N VAL A 230 7.41 -10.09 8.67
CA VAL A 230 7.99 -8.76 8.67
C VAL A 230 6.78 -7.81 8.65
N SER A 231 6.70 -6.95 9.66
CA SER A 231 5.62 -6.00 9.82
C SER A 231 6.12 -4.55 9.84
N ASP A 232 5.44 -3.70 9.08
CA ASP A 232 5.63 -2.26 9.12
CA ASP A 232 5.61 -2.26 9.04
C ASP A 232 6.92 -1.79 8.43
N ASN A 233 8.06 -2.16 9.01
CA ASN A 233 9.32 -1.71 8.46
CA ASN A 233 9.41 -1.80 8.61
C ASN A 233 9.91 -2.81 7.56
N PHE A 234 9.93 -2.44 6.27
CA PHE A 234 10.33 -3.31 5.16
C PHE A 234 11.76 -3.00 4.68
N GLU A 235 12.54 -2.34 5.53
CA GLU A 235 13.93 -2.07 5.16
C GLU A 235 14.66 -3.40 4.85
N GLY A 236 15.35 -3.42 3.73
CA GLY A 236 16.08 -4.60 3.25
C GLY A 236 15.28 -5.38 2.24
N TYR A 237 13.99 -5.06 2.11
CA TYR A 237 13.09 -5.75 1.19
C TYR A 237 12.55 -4.87 0.06
N VAL A 238 12.50 -3.54 0.25
CA VAL A 238 11.89 -2.67 -0.73
C VAL A 238 12.88 -1.61 -1.22
N TYR A 239 12.84 -1.43 -2.54
CA TYR A 239 13.79 -0.58 -3.25
C TYR A 239 13.09 0.18 -4.38
N SER A 240 13.73 1.27 -4.83
CA SER A 240 13.26 2.04 -5.96
C SER A 240 14.39 2.15 -6.99
N PHE A 241 13.98 2.27 -8.25
CA PHE A 241 14.89 2.56 -9.35
C PHE A 241 14.25 3.63 -10.23
N ASP A 242 15.03 4.62 -10.62
CA ASP A 242 14.57 5.65 -11.55
C ASP A 242 14.23 4.93 -12.87
N ASP A 243 13.24 5.45 -13.60
CA ASP A 243 12.83 4.87 -14.87
C ASP A 243 14.03 4.67 -15.79
N ASP A 244 14.01 3.56 -16.51
CA ASP A 244 14.88 3.37 -17.66
C ASP A 244 14.12 2.54 -18.69
N LEU A 245 13.36 3.27 -19.49
CA LEU A 245 12.50 2.67 -20.50
C LEU A 245 13.29 2.09 -21.67
N SER A 246 14.59 2.37 -21.70
CA SER A 246 15.51 1.92 -22.74
CA SER A 246 15.41 1.85 -22.79
C SER A 246 16.17 0.57 -22.43
N GLN A 247 16.00 0.06 -21.21
CA GLN A 247 16.70 -1.15 -20.80
C GLN A 247 15.93 -2.36 -21.31
N SER A 248 16.38 -2.85 -22.47
CA SER A 248 15.60 -3.85 -23.22
C SER A 248 15.33 -5.15 -22.48
N ASN A 249 16.29 -5.61 -21.67
CA ASN A 249 16.18 -6.91 -21.02
C ASN A 249 15.59 -6.82 -19.60
N CYS A 250 14.96 -5.70 -19.23
CA CYS A 250 14.55 -5.49 -17.83
C CYS A 250 13.44 -6.41 -17.34
N THR A 251 12.54 -6.83 -18.21
CA THR A 251 11.39 -7.64 -17.85
C THR A 251 11.75 -9.14 -17.90
N ILE A 252 11.41 -9.86 -16.82
CA ILE A 252 11.62 -11.30 -16.73
C ILE A 252 10.22 -11.92 -16.67
N PRO A 253 9.70 -12.36 -17.84
CA PRO A 253 8.33 -12.82 -17.83
C PRO A 253 8.11 -14.05 -16.97
N ASP A 254 9.10 -14.92 -16.87
CA ASP A 254 8.96 -16.13 -16.09
C ASP A 254 10.27 -16.45 -15.37
N PRO A 255 10.41 -15.92 -14.15
CA PRO A 255 11.62 -16.12 -13.37
C PRO A 255 11.96 -17.59 -13.13
N SER A 256 11.10 -18.58 -13.21
N SER A 256 10.81 -18.33 -13.21
CA SER A 256 11.64 -19.91 -12.95
CA SER A 256 10.57 -19.80 -13.00
C SER A 256 12.50 -20.52 -14.05
C SER A 256 11.42 -20.60 -13.97
N ILE A 257 12.53 -19.88 -15.22
N ILE A 257 11.79 -20.04 -15.13
CA ILE A 257 13.28 -20.40 -16.37
CA ILE A 257 12.69 -20.70 -16.09
C ILE A 257 14.29 -19.40 -16.91
C ILE A 257 13.87 -19.81 -16.48
N HIS A 258 14.52 -18.33 -16.16
N HIS A 258 13.90 -18.53 -16.09
CA HIS A 258 15.43 -17.29 -16.61
CA HIS A 258 14.97 -17.62 -16.49
C HIS A 258 16.88 -17.76 -16.50
C HIS A 258 16.32 -18.00 -15.92
C1 MAN B . -22.63 8.80 11.75
C2 MAN B . -21.19 9.27 11.92
C3 MAN B . -20.25 8.11 12.25
C4 MAN B . -20.86 7.39 13.45
C5 MAN B . -22.31 7.02 13.15
C6 MAN B . -22.86 6.12 14.26
O1 MAN B . -22.73 8.32 10.43
O2 MAN B . -21.13 10.07 13.07
O3 MAN B . -18.97 8.53 12.65
O4 MAN B . -20.14 6.21 13.77
O5 MAN B . -23.04 8.23 12.98
O6 MAN B . -23.09 6.92 15.40
C1 MAN B . -17.99 8.17 11.66
C2 MAN B . -16.64 8.36 12.34
C3 MAN B . -16.29 9.84 12.52
C4 MAN B . -16.52 10.62 11.24
C5 MAN B . -17.90 10.37 10.66
C6 MAN B . -18.08 10.99 9.27
O2 MAN B . -15.60 7.82 11.55
O3 MAN B . -14.97 10.01 13.01
O4 MAN B . -16.39 12.01 11.46
O5 MAN B . -18.07 8.97 10.48
O6 MAN B . -19.45 11.00 8.92
C1 MAN B . -15.42 6.41 11.65
C2 MAN B . -13.91 6.13 11.71
C3 MAN B . -13.29 6.60 10.39
C4 MAN B . -13.97 5.88 9.20
C5 MAN B . -15.50 6.14 9.27
C6 MAN B . -16.30 5.52 8.15
C6 MAN B . -16.20 5.35 8.18
O2 MAN B . -13.63 4.75 11.89
O3 MAN B . -11.90 6.44 10.34
O4 MAN B . -13.46 6.42 8.01
O5 MAN B . -16.02 5.75 10.54
O6 MAN B . -16.18 4.12 8.26
O6 MAN B . -17.58 5.16 8.39
C1 MAN B . -23.66 6.07 16.42
C2 MAN B . -24.26 6.91 17.55
C3 MAN B . -23.17 7.70 18.27
C4 MAN B . -21.97 6.81 18.58
C5 MAN B . -21.57 5.96 17.38
C6 MAN B . -20.44 5.00 17.73
O2 MAN B . -24.94 6.06 18.45
O3 MAN B . -23.69 8.29 19.45
O4 MAN B . -20.87 7.60 18.97
O5 MAN B . -22.68 5.21 16.94
O6 MAN B . -20.98 3.97 18.54
CA CA C . -11.08 6.88 8.09
NA NA D . -4.55 4.25 15.38
CL CL E . -10.88 10.46 30.14
NA NA F . -2.49 15.81 17.44
CA CA G . 3.28 -5.39 -19.62
C1 GOL H . -17.88 18.09 18.64
O1 GOL H . -19.14 17.98 18.01
C2 GOL H . -18.04 17.30 19.93
O2 GOL H . -18.30 15.96 19.65
C3 GOL H . -16.76 17.46 20.74
O3 GOL H . -16.84 16.66 21.94
#